data_4ZY3
#
_entry.id   4ZY3
#
_cell.length_a   126.399
_cell.length_b   75.193
_cell.length_c   109.797
_cell.angle_alpha   90.00
_cell.angle_beta   105.35
_cell.angle_gamma   90.00
#
_symmetry.space_group_name_H-M   'C 1 2 1'
#
loop_
_entity.id
_entity.type
_entity.pdbx_description
1 polymer 'Kelch-like ECH-associated protein 1'
2 non-polymer 'FORMIC ACID'
3 non-polymer "N,N'-[2-(2-oxopropyl)naphthalene-1,4-diyl]bis(4-ethoxybenzenesulfonamide)"
4 water water
#
_entity_poly.entity_id   1
_entity_poly.type   'polypeptide(L)'
_entity_poly.pdbx_seq_one_letter_code
;MGHHHHHHDYDIPTTENLYFQGAPKVGRLIYTAGGYFRQSLSYLEAYNPSNGSWLRLADLQVPRSGLAGCVVGGLLYAVG
GRNNSPDGNTDSSALDCYNPMTNQWSPCASMSVPRNRIGVGVIDGHIYAVGGSHGCIHHSSVERYEPERDEWHLVAPMLT
RRIGVGVAVLNRLLYAVGGFDGTNRLNSAECYYPERNEWRMITPMNTIRSGAGVCVLHNCIYAAGGYDGQDQLNSVERYD
VETETWTFVAPMRHHRSALGITVHQGKIYVLGGYDGHTFLDSVECYDPDSDTWSEVTRMTSGRSGVGVAVT
;
_entity_poly.pdbx_strand_id   A,B
#
loop_
_chem_comp.id
_chem_comp.type
_chem_comp.name
_chem_comp.formula
FMT non-polymer 'FORMIC ACID' 'C H2 O2'
K67 non-polymer N,N'-[2-(2-oxopropyl)naphthalene-1,4-diyl]bis(4-ethoxybenzenesulfonamide) 'C29 H30 N2 O7 S2'
#
# COMPACT_ATOMS: atom_id res chain seq x y z
N GLY A 27 -16.53 9.59 13.15
CA GLY A 27 -15.02 9.71 13.18
C GLY A 27 -14.43 8.81 14.28
N ARG A 28 -14.38 7.54 14.03
CA ARG A 28 -13.75 6.62 14.97
C ARG A 28 -12.22 6.75 14.72
N LEU A 29 -11.44 6.54 15.76
CA LEU A 29 -10.00 6.65 15.73
C LEU A 29 -9.40 5.26 15.99
N ILE A 30 -8.21 5.07 15.46
CA ILE A 30 -7.37 3.89 15.75
C ILE A 30 -6.44 4.19 16.94
N TYR A 31 -6.69 3.56 18.09
CA TYR A 31 -5.93 3.80 19.31
C TYR A 31 -4.83 2.76 19.45
N THR A 32 -3.59 3.20 19.72
CA THR A 32 -2.46 2.28 19.99
C THR A 32 -1.93 2.63 21.37
N ALA A 33 -1.92 1.61 22.20
CA ALA A 33 -1.46 1.63 23.61
C ALA A 33 -0.21 0.79 23.84
N GLY A 34 0.75 1.38 24.56
CA GLY A 34 1.92 0.67 25.03
C GLY A 34 2.82 0.25 23.93
N GLY A 35 3.56 -0.82 24.13
CA GLY A 35 4.44 -1.29 23.10
C GLY A 35 5.85 -1.32 23.70
N TYR A 36 6.85 -1.54 22.85
CA TYR A 36 8.24 -1.69 23.31
C TYR A 36 9.19 -1.06 22.31
N PHE A 37 10.13 -0.26 22.83
CA PHE A 37 11.34 0.08 22.08
C PHE A 37 12.37 0.46 23.24
N ARG A 38 13.32 -0.42 23.37
CA ARG A 38 14.39 -0.40 24.40
C ARG A 38 13.85 -0.78 25.78
N GLN A 39 12.61 -0.40 26.06
CA GLN A 39 11.93 -0.82 27.22
C GLN A 39 10.38 -0.75 26.89
N SER A 40 9.56 -1.27 27.77
CA SER A 40 8.11 -1.10 27.61
C SER A 40 7.71 0.33 27.67
N LEU A 41 6.65 0.66 26.92
CA LEU A 41 6.21 1.98 26.75
C LEU A 41 4.89 2.33 27.37
N SER A 42 4.69 3.59 27.65
CA SER A 42 3.46 4.14 28.14
C SER A 42 2.61 4.92 27.16
N TYR A 43 2.92 4.97 25.86
CA TYR A 43 2.21 5.78 24.93
C TYR A 43 0.73 5.35 24.76
N LEU A 44 -0.12 6.33 24.65
CA LEU A 44 -1.47 6.17 24.09
C LEU A 44 -1.58 7.22 22.99
N GLU A 45 -1.64 6.76 21.74
CA GLU A 45 -1.77 7.61 20.59
C GLU A 45 -2.96 7.14 19.76
N ALA A 46 -3.63 8.06 19.10
CA ALA A 46 -4.72 7.74 18.22
C ALA A 46 -4.60 8.28 16.87
N TYR A 47 -4.93 7.46 15.88
CA TYR A 47 -4.79 7.87 14.49
C TYR A 47 -6.14 8.07 13.88
N ASN A 48 -6.35 9.19 13.16
CA ASN A 48 -7.60 9.42 12.47
C ASN A 48 -7.46 9.21 10.98
N PRO A 49 -8.00 8.08 10.47
CA PRO A 49 -7.67 7.75 9.06
C PRO A 49 -8.28 8.78 8.09
N SER A 50 -9.29 9.50 8.51
CA SER A 50 -9.91 10.29 7.51
C SER A 50 -9.15 11.60 7.31
N ASN A 51 -8.24 11.97 8.17
CA ASN A 51 -7.46 13.17 7.94
C ASN A 51 -5.98 13.02 8.18
N GLY A 52 -5.50 11.81 8.49
CA GLY A 52 -4.09 11.59 8.69
C GLY A 52 -3.48 12.08 9.98
N SER A 53 -4.28 12.58 10.89
CA SER A 53 -3.77 13.18 12.11
C SER A 53 -3.60 12.13 13.26
N TRP A 54 -2.56 12.35 14.04
CA TRP A 54 -2.21 11.62 15.23
C TRP A 54 -2.43 12.49 16.44
N LEU A 55 -3.14 11.94 17.42
CA LEU A 55 -3.40 12.57 18.72
C LEU A 55 -2.42 11.95 19.76
N ARG A 56 -1.86 12.77 20.67
CA ARG A 56 -1.13 12.25 21.80
C ARG A 56 -1.97 12.32 23.04
N LEU A 57 -2.42 11.19 23.56
CA LEU A 57 -3.40 11.15 24.62
C LEU A 57 -2.70 10.78 25.90
N ALA A 58 -3.44 10.57 26.99
CA ALA A 58 -2.82 10.30 28.31
C ALA A 58 -2.04 9.02 28.38
N ASP A 59 -0.81 9.10 28.84
CA ASP A 59 -0.02 7.87 29.05
C ASP A 59 -0.72 6.89 29.99
N LEU A 60 -0.45 5.60 29.75
CA LEU A 60 -0.75 4.48 30.65
C LEU A 60 -0.07 4.78 31.96
N GLN A 61 -0.67 4.27 33.02
CA GLN A 61 -0.13 4.49 34.36
C GLN A 61 1.08 3.64 34.58
N VAL A 62 1.07 2.44 33.99
CA VAL A 62 2.21 1.58 34.08
C VAL A 62 2.59 1.27 32.66
N PRO A 63 3.89 1.27 32.32
CA PRO A 63 4.30 0.89 30.94
C PRO A 63 4.04 -0.59 30.68
N ARG A 64 3.69 -0.95 29.43
CA ARG A 64 3.46 -2.34 29.12
C ARG A 64 3.62 -2.59 27.65
N SER A 65 4.17 -3.76 27.37
CA SER A 65 4.25 -4.33 26.03
C SER A 65 3.61 -5.73 26.07
N GLY A 66 3.28 -6.27 24.91
CA GLY A 66 2.70 -7.64 24.85
C GLY A 66 1.27 -7.67 25.36
N LEU A 67 0.70 -6.47 25.52
CA LEU A 67 -0.74 -6.33 25.86
C LEU A 67 -1.68 -6.45 24.66
N ALA A 68 -2.98 -6.55 24.97
CA ALA A 68 -3.97 -6.40 23.93
C ALA A 68 -4.91 -5.31 24.28
N GLY A 69 -5.50 -4.73 23.26
CA GLY A 69 -6.54 -3.69 23.45
C GLY A 69 -7.83 -4.09 22.85
N CYS A 70 -8.88 -3.56 23.47
CA CYS A 70 -10.21 -3.77 22.93
C CYS A 70 -11.11 -2.65 23.42
N VAL A 71 -12.33 -2.60 22.90
CA VAL A 71 -13.27 -1.52 23.22
C VAL A 71 -14.60 -2.17 23.60
N VAL A 72 -15.25 -1.70 24.68
CA VAL A 72 -16.60 -2.14 25.09
C VAL A 72 -17.30 -0.84 25.49
N GLY A 73 -18.38 -0.53 24.86
CA GLY A 73 -19.19 0.59 25.41
C GLY A 73 -18.50 1.92 25.13
N GLY A 74 -17.75 2.06 24.04
CA GLY A 74 -16.93 3.24 23.77
C GLY A 74 -15.75 3.52 24.70
N LEU A 75 -15.45 2.62 25.67
CA LEU A 75 -14.27 2.68 26.50
C LEU A 75 -13.21 1.77 25.95
N LEU A 76 -11.98 2.22 26.00
CA LEU A 76 -10.81 1.42 25.53
C LEU A 76 -10.18 0.69 26.66
N TYR A 77 -9.95 -0.66 26.55
CA TYR A 77 -9.32 -1.40 27.62
C TYR A 77 -7.93 -1.85 27.21
N ALA A 78 -6.96 -1.80 28.10
CA ALA A 78 -5.58 -2.33 27.96
C ALA A 78 -5.54 -3.57 28.89
N VAL A 79 -5.18 -4.72 28.33
CA VAL A 79 -5.24 -5.95 29.06
C VAL A 79 -3.92 -6.67 29.11
N GLY A 80 -3.44 -7.03 30.29
CA GLY A 80 -2.28 -7.88 30.34
C GLY A 80 -0.96 -7.21 29.86
N GLY A 81 -0.06 -8.04 29.37
CA GLY A 81 1.26 -7.61 28.94
C GLY A 81 2.36 -7.78 30.00
N ARG A 82 3.35 -6.91 29.91
CA ARG A 82 4.55 -6.97 30.76
C ARG A 82 5.24 -5.61 30.76
N ASN A 83 5.90 -5.32 31.86
CA ASN A 83 6.74 -4.15 31.86
C ASN A 83 8.18 -4.64 31.82
N ASN A 84 8.81 -4.56 30.69
CA ASN A 84 10.23 -4.86 30.50
C ASN A 84 10.94 -3.54 30.73
N SER A 85 11.61 -3.35 31.88
CA SER A 85 12.25 -2.02 32.16
C SER A 85 13.72 -2.29 32.50
N PRO A 86 14.55 -1.26 32.57
CA PRO A 86 15.91 -1.53 33.04
C PRO A 86 16.05 -2.13 34.48
N ASP A 87 15.12 -1.85 35.39
CA ASP A 87 15.10 -2.45 36.74
C ASP A 87 14.68 -3.90 36.74
N GLY A 88 13.93 -4.30 35.71
CA GLY A 88 13.59 -5.71 35.53
C GLY A 88 12.26 -5.84 34.79
N ASN A 89 11.68 -7.02 34.92
CA ASN A 89 10.58 -7.49 34.04
C ASN A 89 9.44 -8.10 34.80
N THR A 90 8.23 -7.53 34.70
CA THR A 90 7.12 -8.02 35.51
C THR A 90 5.92 -8.21 34.61
N ASP A 91 5.40 -9.45 34.57
CA ASP A 91 4.22 -9.70 33.77
C ASP A 91 3.07 -8.96 34.44
N SER A 92 2.04 -8.59 33.66
CA SER A 92 0.86 -7.85 34.16
C SER A 92 -0.41 -8.72 34.10
N SER A 93 -1.14 -8.75 35.20
CA SER A 93 -2.52 -9.16 35.26
C SER A 93 -3.49 -8.00 35.14
N ALA A 94 -3.00 -6.81 34.87
CA ALA A 94 -3.75 -5.61 34.88
C ALA A 94 -4.86 -5.43 33.79
N LEU A 95 -5.98 -4.84 34.17
CA LEU A 95 -6.98 -4.35 33.21
C LEU A 95 -7.15 -2.90 33.52
N ASP A 96 -6.87 -2.05 32.53
CA ASP A 96 -7.09 -0.58 32.66
C ASP A 96 -8.01 -0.04 31.60
N CYS A 97 -8.76 0.99 31.95
CA CYS A 97 -9.81 1.45 31.06
C CYS A 97 -9.62 2.93 30.82
N TYR A 98 -9.62 3.27 29.58
CA TYR A 98 -9.44 4.66 29.14
C TYR A 98 -10.73 5.17 28.58
N ASN A 99 -11.19 6.33 29.11
CA ASN A 99 -12.34 7.01 28.59
C ASN A 99 -11.91 8.14 27.68
N PRO A 100 -12.28 8.09 26.39
CA PRO A 100 -11.86 9.13 25.42
C PRO A 100 -12.49 10.51 25.78
N MET A 101 -13.63 10.47 26.47
CA MET A 101 -14.34 11.71 26.91
C MET A 101 -13.56 12.48 27.97
N THR A 102 -12.86 11.80 28.85
CA THR A 102 -12.09 12.42 29.93
C THR A 102 -10.62 12.35 29.78
N ASN A 103 -10.13 11.60 28.77
CA ASN A 103 -8.68 11.43 28.60
C ASN A 103 -7.98 10.90 29.86
N GLN A 104 -8.60 9.95 30.53
CA GLN A 104 -8.06 9.43 31.75
C GLN A 104 -8.18 7.87 31.74
N TRP A 105 -7.15 7.24 32.23
CA TRP A 105 -7.08 5.84 32.54
C TRP A 105 -7.56 5.56 33.96
N SER A 106 -8.34 4.51 34.12
CA SER A 106 -8.82 4.09 35.42
C SER A 106 -8.55 2.58 35.56
N PRO A 107 -8.03 2.17 36.68
CA PRO A 107 -7.85 0.73 36.91
C PRO A 107 -9.16 -0.06 37.11
N CYS A 108 -9.18 -1.31 36.64
CA CYS A 108 -10.22 -2.19 36.82
C CYS A 108 -9.71 -3.38 37.60
N ALA A 109 -10.59 -4.33 37.87
CA ALA A 109 -10.19 -5.57 38.51
C ALA A 109 -9.11 -6.23 37.68
N SER A 110 -8.08 -6.70 38.35
CA SER A 110 -7.07 -7.52 37.72
C SER A 110 -7.53 -8.94 37.37
N MET A 111 -6.85 -9.57 36.42
CA MET A 111 -7.16 -10.95 36.08
C MET A 111 -6.65 -11.89 37.18
N SER A 112 -6.95 -13.14 37.03
CA SER A 112 -6.57 -14.18 38.00
C SER A 112 -5.06 -14.37 38.00
N VAL A 113 -4.42 -14.19 36.83
CA VAL A 113 -3.01 -14.46 36.60
C VAL A 113 -2.45 -13.38 35.63
N PRO A 114 -1.18 -13.08 35.72
CA PRO A 114 -0.56 -12.21 34.71
C PRO A 114 -0.61 -12.93 33.38
N ARG A 115 -0.73 -12.15 32.26
CA ARG A 115 -0.77 -12.70 30.93
C ARG A 115 0.01 -11.80 29.99
N ASN A 116 1.27 -12.13 29.76
CA ASN A 116 2.02 -11.45 28.73
C ASN A 116 1.81 -12.08 27.39
N ARG A 117 1.91 -11.31 26.30
CA ARG A 117 1.67 -11.83 24.96
C ARG A 117 0.30 -12.46 24.87
N ILE A 118 -0.70 -11.74 25.42
CA ILE A 118 -2.05 -12.18 25.54
C ILE A 118 -2.83 -11.98 24.25
N GLY A 119 -3.98 -12.69 24.10
CA GLY A 119 -4.91 -12.31 23.05
C GLY A 119 -6.24 -12.02 23.64
N VAL A 120 -7.00 -11.13 23.01
CA VAL A 120 -8.29 -10.74 23.62
C VAL A 120 -9.41 -10.67 22.59
N GLY A 121 -10.69 -10.87 23.00
CA GLY A 121 -11.82 -10.67 22.05
C GLY A 121 -12.98 -10.24 22.86
N VAL A 122 -13.97 -9.61 22.24
CA VAL A 122 -15.11 -9.17 22.99
C VAL A 122 -16.36 -9.82 22.40
N ILE A 123 -17.23 -10.39 23.23
CA ILE A 123 -18.50 -10.95 22.77
C ILE A 123 -19.54 -10.42 23.71
N ASP A 124 -20.58 -9.79 23.16
CA ASP A 124 -21.65 -9.22 24.04
C ASP A 124 -21.22 -8.33 25.15
N GLY A 125 -20.23 -7.51 24.90
CA GLY A 125 -19.80 -6.63 25.95
C GLY A 125 -18.98 -7.19 27.11
N HIS A 126 -18.43 -8.38 26.90
CA HIS A 126 -17.60 -9.06 27.84
C HIS A 126 -16.23 -9.34 27.17
N ILE A 127 -15.15 -9.16 27.91
CA ILE A 127 -13.82 -9.26 27.41
C ILE A 127 -13.29 -10.65 27.76
N TYR A 128 -12.82 -11.37 26.76
CA TYR A 128 -12.16 -12.63 26.94
C TYR A 128 -10.65 -12.45 26.88
N ALA A 129 -9.94 -12.87 27.92
CA ALA A 129 -8.47 -12.79 27.98
C ALA A 129 -8.04 -14.19 27.76
N VAL A 130 -7.24 -14.39 26.74
CA VAL A 130 -6.88 -15.73 26.25
C VAL A 130 -5.37 -15.94 26.36
N GLY A 131 -5.00 -17.07 26.99
CA GLY A 131 -3.60 -17.50 27.02
C GLY A 131 -2.61 -16.49 27.57
N GLY A 132 -1.48 -16.39 26.93
CA GLY A 132 -0.43 -15.55 27.42
C GLY A 132 0.50 -16.26 28.46
N SER A 133 1.55 -15.57 28.90
CA SER A 133 2.48 -16.18 29.86
C SER A 133 2.60 -15.42 31.17
N HIS A 134 3.08 -16.13 32.19
CA HIS A 134 3.45 -15.57 33.45
C HIS A 134 4.82 -16.23 33.77
N GLY A 135 5.92 -15.52 33.57
CA GLY A 135 7.24 -16.11 33.64
C GLY A 135 7.28 -17.23 32.70
N CYS A 136 7.66 -18.45 33.14
CA CYS A 136 7.64 -19.61 32.29
C CYS A 136 6.34 -20.39 32.08
N ILE A 137 5.25 -20.00 32.77
CA ILE A 137 4.00 -20.66 32.63
C ILE A 137 3.35 -20.12 31.34
N HIS A 138 3.05 -21.01 30.42
CA HIS A 138 2.35 -20.75 29.18
C HIS A 138 0.89 -21.16 29.42
N HIS A 139 -0.04 -20.20 29.56
CA HIS A 139 -1.40 -20.52 29.87
C HIS A 139 -2.20 -21.14 28.74
N SER A 140 -3.05 -22.14 29.12
CA SER A 140 -4.15 -22.51 28.29
C SER A 140 -5.45 -21.87 28.79
N SER A 141 -5.39 -21.27 29.99
CA SER A 141 -6.59 -20.75 30.63
C SER A 141 -7.11 -19.46 29.98
N VAL A 142 -8.39 -19.24 30.19
CA VAL A 142 -9.16 -18.18 29.56
C VAL A 142 -10.12 -17.68 30.62
N GLU A 143 -10.23 -16.35 30.71
CA GLU A 143 -11.15 -15.71 31.67
C GLU A 143 -11.91 -14.59 31.04
N ARG A 144 -13.09 -14.28 31.59
CA ARG A 144 -14.01 -13.38 30.99
C ARG A 144 -14.35 -12.26 31.93
N TYR A 145 -14.27 -11.04 31.44
CA TYR A 145 -14.60 -9.85 32.29
C TYR A 145 -15.95 -9.29 31.96
N GLU A 146 -16.70 -8.92 33.02
CA GLU A 146 -17.99 -8.23 32.90
C GLU A 146 -17.85 -6.80 33.40
N PRO A 147 -17.92 -5.80 32.49
CA PRO A 147 -17.69 -4.45 32.96
C PRO A 147 -18.72 -3.93 33.96
N GLU A 148 -19.95 -4.36 33.79
CA GLU A 148 -21.06 -3.94 34.67
C GLU A 148 -20.82 -4.31 36.17
N ARG A 149 -20.09 -5.39 36.43
CA ARG A 149 -19.83 -5.87 37.81
C ARG A 149 -18.36 -5.72 38.22
N ASP A 150 -17.51 -5.36 37.26
CA ASP A 150 -16.07 -5.30 37.50
C ASP A 150 -15.51 -6.58 38.07
N GLU A 151 -15.86 -7.69 37.43
CA GLU A 151 -15.39 -9.04 37.82
C GLU A 151 -14.90 -9.89 36.65
N TRP A 152 -13.81 -10.63 36.86
CA TRP A 152 -13.29 -11.65 35.98
C TRP A 152 -13.73 -13.03 36.52
N HIS A 153 -13.97 -13.94 35.63
CA HIS A 153 -14.25 -15.36 35.95
C HIS A 153 -13.68 -16.27 34.89
N LEU A 154 -13.10 -17.35 35.32
CA LEU A 154 -12.48 -18.29 34.42
C LEU A 154 -13.57 -19.00 33.62
N VAL A 155 -13.30 -19.33 32.38
CA VAL A 155 -14.14 -20.14 31.61
C VAL A 155 -13.40 -21.42 31.23
N ALA A 156 -13.86 -22.24 30.29
CA ALA A 156 -13.11 -23.49 29.91
C ALA A 156 -11.81 -23.08 29.30
N PRO A 157 -10.73 -23.76 29.67
CA PRO A 157 -9.46 -23.52 29.07
C PRO A 157 -9.40 -24.01 27.62
N MET A 158 -8.41 -23.47 26.86
CA MET A 158 -8.15 -23.95 25.48
C MET A 158 -7.57 -25.35 25.52
N LEU A 159 -7.57 -26.00 24.40
CA LEU A 159 -7.04 -27.37 24.26
C LEU A 159 -5.56 -27.32 24.24
N THR A 160 -4.99 -26.13 24.00
CA THR A 160 -3.59 -25.92 23.75
C THR A 160 -3.12 -24.75 24.58
N ARG A 161 -1.95 -24.83 25.17
CA ARG A 161 -1.36 -23.63 25.84
C ARG A 161 -0.89 -22.68 24.70
N ARG A 162 -1.13 -21.36 24.76
CA ARG A 162 -0.79 -20.44 23.64
C ARG A 162 -0.40 -19.08 24.19
N ILE A 163 0.85 -18.71 23.95
CA ILE A 163 1.30 -17.32 24.14
C ILE A 163 1.68 -16.73 22.77
N GLY A 164 1.62 -15.42 22.64
CA GLY A 164 1.75 -14.89 21.30
C GLY A 164 0.62 -15.26 20.41
N VAL A 165 -0.52 -15.42 21.00
CA VAL A 165 -1.73 -15.98 20.34
C VAL A 165 -2.54 -14.79 19.75
N GLY A 166 -3.08 -14.94 18.56
CA GLY A 166 -4.08 -14.04 18.01
C GLY A 166 -5.46 -14.51 18.32
N VAL A 167 -6.42 -13.58 18.47
CA VAL A 167 -7.80 -13.92 18.81
C VAL A 167 -8.68 -13.11 17.91
N ALA A 168 -9.69 -13.78 17.37
CA ALA A 168 -10.68 -13.11 16.56
C ALA A 168 -12.08 -13.54 16.96
N VAL A 169 -13.02 -12.64 16.87
CA VAL A 169 -14.40 -13.01 17.12
C VAL A 169 -15.21 -12.96 15.81
N LEU A 170 -15.94 -14.01 15.55
CA LEU A 170 -16.66 -14.12 14.29
C LEU A 170 -17.91 -14.99 14.58
N ASN A 171 -19.07 -14.48 14.19
CA ASN A 171 -20.34 -15.22 14.40
C ASN A 171 -20.54 -15.58 15.86
N ARG A 172 -20.10 -14.70 16.77
CA ARG A 172 -20.24 -14.89 18.22
C ARG A 172 -19.51 -16.09 18.74
N LEU A 173 -18.49 -16.49 18.02
CA LEU A 173 -17.59 -17.51 18.46
C LEU A 173 -16.17 -16.89 18.55
N LEU A 174 -15.34 -17.42 19.40
CA LEU A 174 -14.00 -16.82 19.66
C LEU A 174 -12.95 -17.73 19.10
N TYR A 175 -12.09 -17.28 18.19
CA TYR A 175 -11.04 -18.14 17.66
C TYR A 175 -9.67 -17.75 18.20
N ALA A 176 -8.88 -18.74 18.59
CA ALA A 176 -7.52 -18.57 19.10
C ALA A 176 -6.59 -19.18 18.05
N VAL A 177 -5.62 -18.41 17.60
CA VAL A 177 -4.92 -18.72 16.34
C VAL A 177 -3.43 -18.61 16.62
N GLY A 178 -2.77 -19.74 16.38
CA GLY A 178 -1.31 -19.80 16.45
C GLY A 178 -0.80 -19.63 17.88
N GLY A 179 0.43 -19.12 17.96
CA GLY A 179 1.13 -18.90 19.23
C GLY A 179 2.31 -19.84 19.49
N PHE A 180 2.64 -19.99 20.76
CA PHE A 180 3.73 -20.84 21.24
C PHE A 180 3.26 -21.54 22.51
N ASP A 181 3.44 -22.87 22.56
CA ASP A 181 2.89 -23.65 23.69
C ASP A 181 3.90 -23.96 24.78
N GLY A 182 5.10 -23.43 24.67
CA GLY A 182 6.17 -23.66 25.65
C GLY A 182 7.21 -24.55 25.00
N THR A 183 6.83 -25.36 24.03
CA THR A 183 7.81 -26.16 23.26
C THR A 183 7.74 -26.02 21.76
N ASN A 184 6.54 -26.00 21.19
CA ASN A 184 6.38 -25.91 19.76
C ASN A 184 5.72 -24.58 19.45
N ARG A 185 6.15 -23.96 18.38
CA ARG A 185 5.42 -22.84 17.79
C ARG A 185 4.28 -23.37 16.95
N LEU A 186 3.16 -22.69 16.84
CA LEU A 186 1.92 -23.36 16.43
C LEU A 186 1.38 -22.86 15.12
N ASN A 187 0.91 -23.74 14.21
CA ASN A 187 -0.03 -23.35 13.17
C ASN A 187 -1.43 -23.71 13.48
N SER A 188 -1.66 -24.33 14.63
CA SER A 188 -2.97 -24.75 15.00
C SER A 188 -3.84 -23.57 15.39
N ALA A 189 -5.14 -23.80 15.41
CA ALA A 189 -6.14 -22.81 15.82
C ALA A 189 -7.32 -23.55 16.39
N GLU A 190 -8.11 -22.87 17.23
CA GLU A 190 -9.23 -23.48 17.90
C GLU A 190 -10.33 -22.49 18.08
N CYS A 191 -11.54 -23.00 18.30
CA CYS A 191 -12.76 -22.19 18.31
C CYS A 191 -13.48 -22.41 19.62
N TYR A 192 -13.90 -21.33 20.25
CA TYR A 192 -14.61 -21.40 21.56
C TYR A 192 -16.06 -21.06 21.33
N TYR A 193 -16.92 -21.87 21.94
CA TYR A 193 -18.38 -21.70 21.85
C TYR A 193 -18.88 -21.22 23.19
N PRO A 194 -19.16 -19.90 23.34
CA PRO A 194 -19.57 -19.34 24.66
C PRO A 194 -20.82 -19.98 25.26
N GLU A 195 -21.78 -20.32 24.43
CA GLU A 195 -23.00 -20.77 25.03
C GLU A 195 -22.80 -22.18 25.61
N ARG A 196 -22.01 -22.96 24.92
CA ARG A 196 -21.69 -24.30 25.37
C ARG A 196 -20.51 -24.38 26.33
N ASN A 197 -19.69 -23.31 26.41
CA ASN A 197 -18.40 -23.35 27.17
C ASN A 197 -17.46 -24.51 26.74
N GLU A 198 -17.24 -24.67 25.43
CA GLU A 198 -16.32 -25.66 24.89
C GLU A 198 -15.45 -25.14 23.77
N TRP A 199 -14.26 -25.74 23.59
CA TRP A 199 -13.34 -25.46 22.55
C TRP A 199 -13.25 -26.63 21.66
N ARG A 200 -12.97 -26.38 20.39
CA ARG A 200 -12.73 -27.39 19.39
C ARG A 200 -11.62 -26.95 18.48
N MET A 201 -10.77 -27.88 18.05
CA MET A 201 -9.74 -27.54 17.13
C MET A 201 -10.34 -27.31 15.75
N ILE A 202 -9.80 -26.35 14.97
CA ILE A 202 -10.19 -26.09 13.63
C ILE A 202 -9.04 -26.47 12.65
N THR A 203 -9.20 -26.27 11.35
CA THR A 203 -8.10 -26.49 10.41
C THR A 203 -6.87 -25.64 10.76
N PRO A 204 -5.68 -26.22 10.81
CA PRO A 204 -4.51 -25.40 11.01
C PRO A 204 -4.18 -24.53 9.82
N MET A 205 -3.45 -23.45 10.10
CA MET A 205 -3.03 -22.51 9.14
C MET A 205 -2.00 -23.20 8.24
N ASN A 206 -1.71 -22.58 7.10
CA ASN A 206 -0.63 -23.03 6.23
C ASN A 206 0.75 -22.81 6.81
N THR A 207 0.86 -21.83 7.72
CA THR A 207 2.09 -21.37 8.25
C THR A 207 2.11 -21.32 9.76
N ILE A 208 3.22 -21.73 10.37
CA ILE A 208 3.43 -21.59 11.80
C ILE A 208 3.58 -20.12 12.08
N ARG A 209 2.82 -19.60 13.07
CA ARG A 209 2.88 -18.22 13.48
C ARG A 209 2.66 -17.98 14.95
N SER A 210 3.66 -17.38 15.55
CA SER A 210 3.43 -16.74 16.83
C SER A 210 3.61 -15.27 16.68
N GLY A 211 2.95 -14.46 17.49
CA GLY A 211 3.08 -13.02 17.38
C GLY A 211 2.54 -12.36 16.11
N ALA A 212 1.54 -12.97 15.53
CA ALA A 212 0.87 -12.47 14.33
C ALA A 212 -0.21 -11.51 14.71
N GLY A 213 -0.70 -10.75 13.75
CA GLY A 213 -1.91 -9.95 13.97
C GLY A 213 -3.07 -10.79 13.45
N VAL A 214 -4.07 -11.00 14.25
CA VAL A 214 -5.20 -11.73 13.83
C VAL A 214 -6.48 -10.87 14.03
N CYS A 215 -7.30 -10.86 13.02
CA CYS A 215 -8.53 -10.00 12.99
C CYS A 215 -9.58 -10.63 12.12
N VAL A 216 -10.76 -10.03 12.16
CA VAL A 216 -11.86 -10.44 11.27
C VAL A 216 -12.24 -9.34 10.32
N LEU A 217 -12.40 -9.66 9.06
CA LEU A 217 -12.84 -8.70 8.06
C LEU A 217 -13.70 -9.43 7.03
N HIS A 218 -14.88 -8.90 6.79
CA HIS A 218 -15.76 -9.46 5.78
C HIS A 218 -15.98 -10.93 5.92
N ASN A 219 -16.29 -11.31 7.16
CA ASN A 219 -16.59 -12.67 7.45
C ASN A 219 -15.47 -13.71 7.42
N CYS A 220 -14.19 -13.30 7.30
CA CYS A 220 -13.10 -14.22 7.30
C CYS A 220 -12.14 -13.87 8.47
N ILE A 221 -11.42 -14.82 8.97
CA ILE A 221 -10.34 -14.56 9.91
C ILE A 221 -9.03 -14.35 9.14
N TYR A 222 -8.30 -13.27 9.43
CA TYR A 222 -6.98 -13.01 8.83
C TYR A 222 -5.88 -13.14 9.82
N ALA A 223 -4.85 -13.84 9.42
CA ALA A 223 -3.64 -13.96 10.21
C ALA A 223 -2.51 -13.36 9.40
N ALA A 224 -1.96 -12.27 9.90
CA ALA A 224 -0.91 -11.49 9.15
C ALA A 224 0.39 -11.49 9.90
N GLY A 225 1.44 -11.87 9.24
CA GLY A 225 2.73 -11.82 9.88
C GLY A 225 2.96 -12.85 10.95
N GLY A 226 3.85 -12.48 11.87
CA GLY A 226 4.25 -13.28 12.98
C GLY A 226 5.67 -13.85 12.79
N TYR A 227 5.93 -14.90 13.54
CA TYR A 227 7.31 -15.50 13.56
C TYR A 227 7.08 -17.00 13.40
N ASP A 228 7.75 -17.62 12.43
CA ASP A 228 7.53 -19.05 12.15
C ASP A 228 8.56 -20.01 12.81
N GLY A 229 9.42 -19.48 13.63
CA GLY A 229 10.46 -20.28 14.24
C GLY A 229 11.82 -19.92 13.69
N GLN A 230 11.85 -19.29 12.54
CA GLN A 230 13.07 -18.93 11.84
C GLN A 230 13.11 -17.46 11.46
N ASP A 231 12.03 -16.96 10.82
CA ASP A 231 12.05 -15.57 10.37
C ASP A 231 10.75 -14.83 10.73
N GLN A 232 10.77 -13.53 10.73
CA GLN A 232 9.56 -12.74 10.65
C GLN A 232 8.90 -12.92 9.28
N LEU A 233 7.58 -12.88 9.23
CA LEU A 233 6.79 -13.16 8.08
C LEU A 233 6.14 -11.95 7.54
N ASN A 234 6.08 -11.87 6.20
CA ASN A 234 5.12 -10.92 5.64
C ASN A 234 3.87 -11.53 5.12
N SER A 235 3.77 -12.83 5.14
CA SER A 235 2.68 -13.49 4.51
C SER A 235 1.41 -13.26 5.34
N VAL A 236 0.27 -13.41 4.68
CA VAL A 236 -1.06 -13.23 5.25
C VAL A 236 -2.00 -14.32 4.71
N GLU A 237 -2.76 -14.97 5.58
CA GLU A 237 -3.69 -15.98 5.15
C GLU A 237 -5.02 -15.72 5.81
N ARG A 238 -6.08 -16.16 5.15
CA ARG A 238 -7.39 -15.96 5.69
C ARG A 238 -8.20 -17.23 5.69
N TYR A 239 -9.03 -17.35 6.72
CA TYR A 239 -9.80 -18.56 6.98
C TYR A 239 -11.25 -18.32 6.67
N ASP A 240 -11.77 -19.22 5.84
CA ASP A 240 -13.23 -19.19 5.51
C ASP A 240 -13.90 -20.27 6.30
N VAL A 241 -14.85 -19.92 7.16
CA VAL A 241 -15.30 -20.82 8.21
C VAL A 241 -16.17 -21.98 7.59
N GLU A 242 -16.72 -21.77 6.41
CA GLU A 242 -17.63 -22.74 5.79
C GLU A 242 -16.85 -23.70 4.93
N THR A 243 -15.84 -23.21 4.23
CA THR A 243 -15.00 -24.10 3.44
C THR A 243 -13.94 -24.76 4.33
N GLU A 244 -13.73 -24.20 5.52
CA GLU A 244 -12.71 -24.70 6.46
C GLU A 244 -11.29 -24.68 5.91
N THR A 245 -11.02 -23.73 5.00
CA THR A 245 -9.68 -23.62 4.46
C THR A 245 -9.04 -22.23 4.62
N TRP A 246 -7.74 -22.26 4.79
CA TRP A 246 -6.91 -21.07 4.88
C TRP A 246 -6.32 -20.85 3.47
N THR A 247 -6.39 -19.62 2.99
CA THR A 247 -5.82 -19.21 1.71
C THR A 247 -4.94 -18.01 1.86
N PHE A 248 -3.77 -18.03 1.23
CA PHE A 248 -2.91 -16.84 1.27
C PHE A 248 -3.50 -15.69 0.46
N VAL A 249 -3.39 -14.49 0.99
CA VAL A 249 -3.74 -13.32 0.28
C VAL A 249 -2.44 -12.57 0.00
N ALA A 250 -2.55 -11.32 -0.42
CA ALA A 250 -1.31 -10.54 -0.71
C ALA A 250 -0.48 -10.41 0.53
N PRO A 251 0.84 -10.57 0.44
CA PRO A 251 1.66 -10.25 1.61
C PRO A 251 1.77 -8.79 2.02
N MET A 252 2.04 -8.53 3.31
CA MET A 252 2.34 -7.17 3.71
C MET A 252 3.60 -6.60 3.06
N ARG A 253 3.71 -5.30 3.08
CA ARG A 253 4.90 -4.59 2.56
C ARG A 253 6.12 -4.78 3.43
N HIS A 254 5.94 -5.05 4.72
CA HIS A 254 7.05 -5.35 5.61
C HIS A 254 6.82 -6.69 6.28
N HIS A 255 7.91 -7.40 6.53
CA HIS A 255 7.83 -8.56 7.41
C HIS A 255 7.74 -8.07 8.85
N ARG A 256 6.87 -8.67 9.69
CA ARG A 256 6.62 -8.15 11.02
C ARG A 256 6.17 -9.25 11.98
N SER A 257 6.71 -9.21 13.20
CA SER A 257 6.18 -10.02 14.32
C SER A 257 5.82 -9.03 15.42
N ALA A 258 4.89 -9.41 16.28
CA ALA A 258 4.51 -8.54 17.42
C ALA A 258 3.93 -7.25 16.90
N LEU A 259 3.10 -7.40 15.87
CA LEU A 259 2.39 -6.26 15.26
C LEU A 259 1.03 -6.04 15.93
N GLY A 260 0.56 -4.79 15.99
CA GLY A 260 -0.85 -4.53 16.35
C GLY A 260 -1.70 -4.58 15.10
N ILE A 261 -2.98 -4.88 15.28
CA ILE A 261 -3.85 -5.01 14.13
C ILE A 261 -5.20 -4.47 14.56
N THR A 262 -5.99 -3.98 13.61
CA THR A 262 -7.46 -3.71 13.88
C THR A 262 -8.06 -3.56 12.48
N VAL A 263 -9.35 -3.27 12.44
CA VAL A 263 -10.10 -3.13 11.20
C VAL A 263 -10.86 -1.80 11.39
N HIS A 264 -10.87 -0.98 10.37
CA HIS A 264 -11.57 0.33 10.36
C HIS A 264 -12.05 0.57 8.93
N GLN A 265 -13.34 0.84 8.79
CA GLN A 265 -14.03 0.99 7.48
C GLN A 265 -13.67 -0.03 6.45
N GLY A 266 -13.73 -1.26 6.84
CA GLY A 266 -13.59 -2.34 5.87
C GLY A 266 -12.20 -2.62 5.38
N LYS A 267 -11.21 -2.07 6.11
CA LYS A 267 -9.79 -2.35 5.80
C LYS A 267 -9.04 -2.76 7.07
N ILE A 268 -7.97 -3.55 6.88
CA ILE A 268 -7.20 -4.00 8.04
C ILE A 268 -6.11 -2.93 8.14
N TYR A 269 -5.77 -2.54 9.38
CA TYR A 269 -4.61 -1.71 9.66
C TYR A 269 -3.63 -2.44 10.61
N VAL A 270 -2.37 -2.51 10.13
CA VAL A 270 -1.36 -3.13 10.91
C VAL A 270 -0.40 -2.04 11.37
N LEU A 271 0.04 -2.16 12.63
CA LEU A 271 0.87 -1.14 13.21
C LEU A 271 2.15 -1.67 13.81
N GLY A 272 3.25 -1.09 13.44
CA GLY A 272 4.49 -1.48 13.99
C GLY A 272 4.84 -2.93 13.98
N GLY A 273 5.67 -3.33 14.92
CA GLY A 273 6.16 -4.71 14.88
C GLY A 273 7.67 -4.69 14.80
N TYR A 274 8.30 -5.88 14.81
CA TYR A 274 9.77 -6.02 14.71
C TYR A 274 10.02 -6.75 13.41
N ASP A 275 10.86 -6.22 12.53
CA ASP A 275 11.04 -6.85 11.21
C ASP A 275 12.21 -7.78 11.18
N GLY A 276 12.82 -8.09 12.32
CA GLY A 276 14.06 -8.91 12.28
C GLY A 276 15.31 -8.06 12.54
N HIS A 277 15.20 -6.75 12.30
CA HIS A 277 16.33 -5.79 12.52
C HIS A 277 15.88 -4.52 13.22
N THR A 278 14.69 -4.00 12.90
CA THR A 278 14.29 -2.67 13.37
C THR A 278 12.88 -2.75 14.00
N PHE A 279 12.57 -1.81 14.86
CA PHE A 279 11.23 -1.74 15.41
C PHE A 279 10.55 -0.74 14.48
N LEU A 280 9.50 -1.14 13.81
CA LEU A 280 8.92 -0.35 12.75
C LEU A 280 8.01 0.70 13.22
N ASP A 281 8.03 1.83 12.56
CA ASP A 281 7.01 2.85 12.75
C ASP A 281 5.93 2.76 11.66
N SER A 282 6.12 1.89 10.67
CA SER A 282 5.16 1.76 9.52
C SER A 282 3.75 1.29 9.98
N VAL A 283 2.72 1.98 9.50
CA VAL A 283 1.31 1.44 9.56
C VAL A 283 0.89 1.21 8.12
N GLU A 284 0.43 0.01 7.86
CA GLU A 284 -0.10 -0.33 6.57
C GLU A 284 -1.49 -0.77 6.60
N CYS A 285 -2.13 -0.74 5.42
CA CYS A 285 -3.64 -0.87 5.26
C CYS A 285 -3.86 -1.90 4.20
N TYR A 286 -4.65 -2.91 4.47
CA TYR A 286 -5.08 -3.93 3.45
C TYR A 286 -6.43 -3.59 2.89
N ASP A 287 -6.50 -3.53 1.58
CA ASP A 287 -7.76 -3.22 0.86
C ASP A 287 -8.26 -4.59 0.31
N PRO A 288 -9.29 -5.19 0.88
CA PRO A 288 -9.75 -6.53 0.44
C PRO A 288 -10.36 -6.51 -0.99
N ASP A 289 -10.85 -5.37 -1.42
CA ASP A 289 -11.30 -5.23 -2.87
C ASP A 289 -10.19 -5.47 -3.93
N SER A 290 -9.07 -4.76 -3.80
CA SER A 290 -7.93 -4.93 -4.71
C SER A 290 -6.93 -5.98 -4.25
N ASP A 291 -7.05 -6.47 -3.03
CA ASP A 291 -6.03 -7.41 -2.49
C ASP A 291 -4.60 -6.84 -2.52
N THR A 292 -4.47 -5.64 -1.96
CA THR A 292 -3.23 -4.94 -1.85
C THR A 292 -3.03 -4.30 -0.45
N TRP A 293 -1.79 -4.11 -0.10
CA TRP A 293 -1.42 -3.43 1.17
C TRP A 293 -0.79 -2.07 0.82
N SER A 294 -0.99 -1.04 1.62
CA SER A 294 -0.41 0.31 1.33
C SER A 294 0.04 0.89 2.59
N GLU A 295 1.11 1.69 2.53
CA GLU A 295 1.62 2.47 3.64
C GLU A 295 0.69 3.64 3.88
N VAL A 296 0.15 3.77 5.06
CA VAL A 296 -0.82 4.86 5.27
C VAL A 296 -0.32 5.95 6.11
N THR A 297 0.56 5.66 7.08
CA THR A 297 1.09 6.69 7.95
C THR A 297 2.24 6.05 8.71
N ARG A 298 2.97 6.88 9.47
CA ARG A 298 3.99 6.38 10.35
C ARG A 298 3.62 6.72 11.81
N MET A 299 3.85 5.80 12.74
CA MET A 299 3.72 6.13 14.19
C MET A 299 4.79 7.17 14.52
N THR A 300 4.56 7.94 15.59
CA THR A 300 5.55 8.92 16.04
C THR A 300 6.91 8.29 16.40
N SER A 301 7.01 6.97 16.60
CA SER A 301 8.29 6.30 16.86
C SER A 301 8.10 4.83 16.65
N GLY A 302 9.11 4.10 16.28
CA GLY A 302 8.96 2.68 16.02
C GLY A 302 8.72 1.92 17.31
N ARG A 303 7.91 0.83 17.29
CA ARG A 303 7.64 0.01 18.47
C ARG A 303 6.98 -1.27 18.06
N SER A 304 7.05 -2.26 18.94
CA SER A 304 6.38 -3.54 18.76
C SER A 304 5.58 -3.82 20.00
N GLY A 305 4.74 -4.82 19.89
CA GLY A 305 3.95 -5.37 21.00
C GLY A 305 2.95 -4.42 21.53
N VAL A 306 2.32 -3.62 20.65
CA VAL A 306 1.25 -2.66 21.07
C VAL A 306 -0.12 -3.38 21.21
N GLY A 307 -1.06 -2.74 21.87
CA GLY A 307 -2.43 -3.09 21.88
C GLY A 307 -3.16 -2.07 21.05
N VAL A 308 -4.10 -2.51 20.22
CA VAL A 308 -4.79 -1.63 19.27
C VAL A 308 -6.29 -1.83 19.38
N ALA A 309 -7.08 -0.77 19.29
CA ALA A 309 -8.52 -0.95 19.13
C ALA A 309 -9.12 0.34 18.58
N VAL A 310 -10.38 0.24 18.14
CA VAL A 310 -10.99 1.38 17.40
C VAL A 310 -12.28 1.83 18.15
N THR A 311 -12.41 3.13 18.42
CA THR A 311 -13.67 3.74 18.89
C THR A 311 -13.81 5.25 18.54
N GLY B 27 -17.00 15.37 -24.19
CA GLY B 27 -17.10 13.89 -24.13
C GLY B 27 -15.79 13.27 -24.65
N ARG B 28 -14.71 13.83 -24.18
CA ARG B 28 -13.41 13.21 -24.42
C ARG B 28 -13.26 11.88 -23.67
N LEU B 29 -12.39 10.98 -24.12
CA LEU B 29 -12.20 9.71 -23.44
C LEU B 29 -10.72 9.54 -23.03
N ILE B 30 -10.55 8.73 -22.02
CA ILE B 30 -9.22 8.36 -21.56
C ILE B 30 -8.85 7.05 -22.26
N TYR B 31 -7.84 7.11 -23.15
CA TYR B 31 -7.36 5.98 -23.90
C TYR B 31 -6.20 5.32 -23.22
N THR B 32 -6.22 3.99 -23.16
CA THR B 32 -5.08 3.20 -22.68
C THR B 32 -4.64 2.20 -23.72
N ALA B 33 -3.36 2.26 -24.06
CA ALA B 33 -2.80 1.47 -25.16
C ALA B 33 -1.69 0.56 -24.60
N GLY B 34 -1.77 -0.74 -24.92
CA GLY B 34 -0.66 -1.61 -24.59
C GLY B 34 -0.59 -1.97 -23.16
N GLY B 35 0.63 -2.28 -22.75
CA GLY B 35 0.90 -2.61 -21.31
C GLY B 35 1.39 -3.99 -21.13
N TYR B 36 1.37 -4.51 -19.90
CA TYR B 36 1.98 -5.83 -19.64
C TYR B 36 1.22 -6.57 -18.64
N PHE B 37 0.97 -7.85 -18.88
CA PHE B 37 0.53 -8.81 -17.91
C PHE B 37 0.91 -10.22 -18.51
N ARG B 38 1.91 -10.82 -17.88
CA ARG B 38 2.63 -12.04 -18.37
C ARG B 38 3.40 -11.82 -19.68
N GLN B 39 2.93 -10.93 -20.55
CA GLN B 39 3.70 -10.55 -21.68
C GLN B 39 3.14 -9.16 -22.09
N SER B 40 3.75 -8.56 -23.06
CA SER B 40 3.28 -7.25 -23.62
C SER B 40 1.95 -7.43 -24.30
N LEU B 41 1.14 -6.39 -24.21
CA LEU B 41 -0.29 -6.45 -24.54
C LEU B 41 -0.58 -5.62 -25.76
N SER B 42 -1.65 -5.95 -26.49
CA SER B 42 -2.06 -5.17 -27.63
C SER B 42 -3.33 -4.32 -27.43
N TYR B 43 -3.86 -4.30 -26.21
CA TYR B 43 -5.19 -3.67 -25.91
C TYR B 43 -5.15 -2.20 -26.24
N LEU B 44 -6.17 -1.77 -26.93
CA LEU B 44 -6.57 -0.38 -26.87
C LEU B 44 -8.01 -0.29 -26.31
N GLU B 45 -8.15 0.41 -25.18
CA GLU B 45 -9.41 0.58 -24.56
C GLU B 45 -9.55 2.02 -24.14
N ALA B 46 -10.78 2.50 -24.06
CA ALA B 46 -11.06 3.85 -23.74
C ALA B 46 -12.13 3.98 -22.64
N TYR B 47 -11.87 4.88 -21.67
CA TYR B 47 -12.79 5.05 -20.55
C TYR B 47 -13.48 6.38 -20.70
N ASN B 48 -14.80 6.34 -20.48
CA ASN B 48 -15.59 7.52 -20.46
C ASN B 48 -16.00 7.89 -19.03
N PRO B 49 -15.38 8.91 -18.48
CA PRO B 49 -15.60 9.15 -17.06
C PRO B 49 -17.05 9.62 -16.78
N SER B 50 -17.69 10.18 -17.79
CA SER B 50 -19.00 10.73 -17.49
C SER B 50 -20.04 9.62 -17.36
N ASN B 51 -19.79 8.41 -17.86
CA ASN B 51 -20.72 7.32 -17.65
C ASN B 51 -20.16 5.95 -17.18
N GLY B 52 -18.86 5.88 -16.93
CA GLY B 52 -18.24 4.68 -16.39
C GLY B 52 -18.01 3.56 -17.37
N SER B 53 -18.24 3.82 -18.66
CA SER B 53 -18.11 2.76 -19.64
C SER B 53 -16.69 2.69 -20.16
N TRP B 54 -16.31 1.48 -20.43
CA TRP B 54 -15.10 1.16 -21.23
C TRP B 54 -15.42 0.72 -22.65
N LEU B 55 -14.73 1.29 -23.62
CA LEU B 55 -14.78 0.81 -25.03
C LEU B 55 -13.57 -0.06 -25.31
N ARG B 56 -13.79 -1.17 -26.02
CA ARG B 56 -12.76 -1.99 -26.56
C ARG B 56 -12.55 -1.56 -28.02
N LEU B 57 -11.37 -1.04 -28.31
CA LEU B 57 -11.08 -0.50 -29.62
C LEU B 57 -10.06 -1.35 -30.35
N ALA B 58 -9.63 -0.91 -31.53
CA ALA B 58 -8.76 -1.77 -32.32
C ALA B 58 -7.38 -2.07 -31.63
N ASP B 59 -7.02 -3.33 -31.53
CA ASP B 59 -5.68 -3.70 -31.02
C ASP B 59 -4.55 -2.99 -31.79
N LEU B 60 -3.42 -2.76 -31.12
CA LEU B 60 -2.21 -2.35 -31.70
C LEU B 60 -1.76 -3.46 -32.68
N GLN B 61 -0.97 -3.08 -33.65
CA GLN B 61 -0.48 -4.01 -34.66
C GLN B 61 0.59 -4.92 -34.06
N VAL B 62 1.45 -4.37 -33.16
CA VAL B 62 2.48 -5.09 -32.45
C VAL B 62 2.27 -4.84 -30.90
N PRO B 63 2.31 -5.87 -30.06
CA PRO B 63 2.14 -5.65 -28.63
C PRO B 63 3.26 -4.77 -28.06
N ARG B 64 2.97 -3.97 -27.03
CA ARG B 64 4.02 -3.18 -26.45
C ARG B 64 3.68 -2.72 -25.06
N SER B 65 4.73 -2.70 -24.24
CA SER B 65 4.68 -2.19 -22.87
C SER B 65 5.80 -1.22 -22.74
N GLY B 66 5.82 -0.38 -21.72
CA GLY B 66 6.87 0.64 -21.58
C GLY B 66 6.81 1.78 -22.54
N LEU B 67 5.65 1.84 -23.25
CA LEU B 67 5.39 2.88 -24.26
C LEU B 67 4.79 4.12 -23.59
N ALA B 68 4.68 5.21 -24.34
CA ALA B 68 3.91 6.45 -23.83
C ALA B 68 2.87 6.74 -24.95
N GLY B 69 1.77 7.35 -24.54
CA GLY B 69 0.80 7.85 -25.43
C GLY B 69 0.78 9.35 -25.41
N CYS B 70 0.36 9.93 -26.50
CA CYS B 70 0.05 11.37 -26.57
C CYS B 70 -0.96 11.61 -27.69
N VAL B 71 -1.48 12.84 -27.74
CA VAL B 71 -2.50 13.21 -28.76
C VAL B 71 -2.09 14.46 -29.51
N VAL B 72 -2.13 14.44 -30.87
CA VAL B 72 -1.87 15.65 -31.70
C VAL B 72 -3.00 15.69 -32.67
N GLY B 73 -3.72 16.80 -32.66
CA GLY B 73 -4.80 17.00 -33.66
C GLY B 73 -5.80 15.89 -33.70
N GLY B 74 -6.26 15.48 -32.52
CA GLY B 74 -7.26 14.46 -32.35
C GLY B 74 -6.88 13.07 -32.70
N LEU B 75 -5.60 12.83 -33.00
CA LEU B 75 -5.10 11.52 -33.24
C LEU B 75 -4.21 11.08 -32.05
N LEU B 76 -4.28 9.80 -31.72
CA LEU B 76 -3.55 9.23 -30.60
C LEU B 76 -2.30 8.57 -31.15
N TYR B 77 -1.18 8.76 -30.46
CA TYR B 77 0.06 8.13 -30.92
C TYR B 77 0.62 7.28 -29.77
N ALA B 78 1.11 6.08 -30.13
CA ALA B 78 1.78 5.19 -29.23
C ALA B 78 3.25 5.17 -29.63
N VAL B 79 4.17 5.51 -28.68
CA VAL B 79 5.54 5.79 -29.07
C VAL B 79 6.45 4.85 -28.32
N GLY B 80 7.39 4.19 -28.97
CA GLY B 80 8.36 3.42 -28.19
C GLY B 80 7.84 2.15 -27.49
N GLY B 81 8.52 1.74 -26.42
CA GLY B 81 8.19 0.59 -25.58
C GLY B 81 9.05 -0.63 -25.97
N ARG B 82 8.46 -1.75 -25.75
CA ARG B 82 9.10 -3.08 -25.95
C ARG B 82 8.01 -4.10 -26.12
N ASN B 83 8.33 -5.15 -26.90
CA ASN B 83 7.51 -6.32 -26.87
C ASN B 83 8.22 -7.41 -26.06
N ASN B 84 7.78 -7.62 -24.82
CA ASN B 84 8.21 -8.75 -23.97
C ASN B 84 7.30 -9.95 -24.28
N SER B 85 7.76 -10.98 -25.01
CA SER B 85 6.86 -12.06 -25.39
C SER B 85 7.50 -13.38 -24.96
N PRO B 86 6.73 -14.48 -24.94
CA PRO B 86 7.48 -15.77 -24.73
C PRO B 86 8.67 -16.07 -25.74
N ASP B 87 8.72 -15.45 -26.90
CA ASP B 87 9.74 -15.76 -27.90
C ASP B 87 10.97 -14.89 -27.79
N GLY B 88 10.88 -13.85 -26.98
CA GLY B 88 12.00 -12.97 -26.79
C GLY B 88 11.48 -11.57 -26.50
N ASN B 89 12.39 -10.64 -26.51
CA ASN B 89 12.10 -9.26 -26.15
C ASN B 89 12.80 -8.29 -27.06
N THR B 90 12.07 -7.30 -27.60
CA THR B 90 12.58 -6.45 -28.59
C THR B 90 12.12 -5.07 -28.23
N ASP B 91 13.07 -4.22 -27.99
CA ASP B 91 12.80 -2.75 -27.81
C ASP B 91 12.22 -2.17 -29.11
N SER B 92 11.26 -1.24 -28.97
CA SER B 92 10.58 -0.62 -30.07
C SER B 92 11.02 0.82 -30.33
N SER B 93 11.35 1.10 -31.61
CA SER B 93 11.47 2.43 -32.14
C SER B 93 10.22 2.95 -32.83
N ALA B 94 9.13 2.25 -32.70
CA ALA B 94 7.94 2.50 -33.47
C ALA B 94 7.15 3.71 -33.04
N LEU B 95 6.54 4.38 -34.01
CA LEU B 95 5.50 5.38 -33.79
C LEU B 95 4.31 4.96 -34.60
N ASP B 96 3.16 4.80 -33.94
CA ASP B 96 1.91 4.39 -34.56
C ASP B 96 0.82 5.35 -34.21
N CYS B 97 -0.15 5.58 -35.10
CA CYS B 97 -1.08 6.67 -34.94
C CYS B 97 -2.46 6.01 -35.12
N TYR B 98 -3.29 6.19 -34.10
CA TYR B 98 -4.68 5.69 -34.03
C TYR B 98 -5.62 6.90 -34.26
N ASN B 99 -6.52 6.74 -35.25
CA ASN B 99 -7.55 7.69 -35.58
C ASN B 99 -8.91 7.20 -35.02
N PRO B 100 -9.44 7.88 -34.03
CA PRO B 100 -10.64 7.41 -33.39
C PRO B 100 -11.85 7.32 -34.38
N MET B 101 -11.76 8.13 -35.45
CA MET B 101 -12.88 8.23 -36.47
C MET B 101 -12.96 6.98 -37.28
N THR B 102 -11.82 6.31 -37.52
CA THR B 102 -11.73 5.17 -38.35
C THR B 102 -11.50 3.89 -37.54
N ASN B 103 -11.19 4.00 -36.23
CA ASN B 103 -10.79 2.84 -35.43
C ASN B 103 -9.66 2.09 -36.00
N GLN B 104 -8.67 2.79 -36.53
CA GLN B 104 -7.57 2.17 -37.20
C GLN B 104 -6.19 2.79 -36.79
N TRP B 105 -5.22 1.89 -36.68
CA TRP B 105 -3.81 2.19 -36.40
C TRP B 105 -3.06 2.29 -37.71
N SER B 106 -2.19 3.29 -37.88
CA SER B 106 -1.35 3.38 -39.04
C SER B 106 0.08 3.57 -38.61
N PRO B 107 1.05 2.95 -39.28
CA PRO B 107 2.41 3.16 -38.91
C PRO B 107 2.89 4.54 -39.36
N CYS B 108 3.80 5.17 -38.60
CA CYS B 108 4.49 6.42 -38.92
C CYS B 108 5.98 6.12 -38.94
N ALA B 109 6.77 7.14 -39.23
CA ALA B 109 8.21 7.02 -39.22
C ALA B 109 8.69 6.59 -37.86
N SER B 110 9.60 5.67 -37.84
CA SER B 110 10.29 5.18 -36.66
C SER B 110 11.31 6.18 -36.21
N MET B 111 11.52 6.20 -34.86
CA MET B 111 12.50 7.02 -34.26
C MET B 111 13.91 6.57 -34.68
N SER B 112 14.90 7.37 -34.31
CA SER B 112 16.28 7.00 -34.61
C SER B 112 16.78 5.77 -33.84
N VAL B 113 16.25 5.47 -32.64
CA VAL B 113 16.69 4.37 -31.75
C VAL B 113 15.47 3.80 -31.07
N PRO B 114 15.49 2.54 -30.73
CA PRO B 114 14.43 2.05 -29.88
C PRO B 114 14.47 2.76 -28.53
N ARG B 115 13.27 2.99 -27.97
CA ARG B 115 13.13 3.60 -26.61
C ARG B 115 12.12 2.95 -25.75
N ASN B 116 12.58 2.05 -24.92
CA ASN B 116 11.67 1.37 -23.95
C ASN B 116 11.62 2.20 -22.68
N ARG B 117 10.50 2.16 -21.94
CA ARG B 117 10.37 3.00 -20.71
C ARG B 117 10.66 4.47 -21.03
N ILE B 118 10.03 4.94 -22.08
CA ILE B 118 10.15 6.27 -22.70
C ILE B 118 9.24 7.26 -21.96
N GLY B 119 9.57 8.53 -22.06
CA GLY B 119 8.59 9.58 -21.82
C GLY B 119 8.30 10.43 -22.97
N VAL B 120 7.11 11.02 -23.07
CA VAL B 120 6.83 11.82 -24.20
C VAL B 120 6.05 13.09 -23.80
N GLY B 121 6.21 14.16 -24.55
CA GLY B 121 5.41 15.39 -24.33
C GLY B 121 5.19 16.04 -25.63
N VAL B 122 4.14 16.86 -25.72
CA VAL B 122 3.80 17.47 -26.99
C VAL B 122 3.89 19.02 -26.80
N ILE B 123 4.56 19.69 -27.75
CA ILE B 123 4.59 21.17 -27.80
C ILE B 123 4.33 21.61 -29.22
N ASP B 124 3.31 22.49 -29.37
CA ASP B 124 2.92 22.99 -30.68
C ASP B 124 2.80 21.93 -31.74
N GLY B 125 2.12 20.86 -31.42
CA GLY B 125 1.85 19.89 -32.46
C GLY B 125 2.97 18.88 -32.76
N HIS B 126 4.06 18.97 -32.03
CA HIS B 126 5.25 18.15 -32.26
C HIS B 126 5.43 17.23 -31.04
N ILE B 127 5.81 15.97 -31.26
CA ILE B 127 5.98 15.01 -30.20
C ILE B 127 7.48 14.83 -29.87
N TYR B 128 7.79 15.05 -28.64
CA TYR B 128 9.14 14.87 -28.09
C TYR B 128 9.21 13.49 -27.48
N ALA B 129 10.16 12.69 -27.93
CA ALA B 129 10.48 11.38 -27.37
C ALA B 129 11.69 11.54 -26.55
N VAL B 130 11.56 11.21 -25.29
CA VAL B 130 12.60 11.50 -24.30
C VAL B 130 13.14 10.23 -23.63
N GLY B 131 14.46 10.10 -23.64
CA GLY B 131 15.09 8.98 -22.94
C GLY B 131 14.72 7.59 -23.32
N GLY B 132 14.62 6.74 -22.33
CA GLY B 132 14.29 5.33 -22.58
C GLY B 132 15.54 4.49 -22.79
N SER B 133 15.32 3.17 -22.91
CA SER B 133 16.47 2.23 -23.09
C SER B 133 16.38 1.49 -24.45
N HIS B 134 17.52 0.94 -24.90
CA HIS B 134 17.61 0.00 -25.99
C HIS B 134 18.63 -1.04 -25.45
N GLY B 135 18.15 -2.18 -24.99
CA GLY B 135 18.99 -3.22 -24.27
C GLY B 135 19.52 -2.53 -23.07
N CYS B 136 20.85 -2.49 -22.92
CA CYS B 136 21.49 -1.88 -21.76
C CYS B 136 21.83 -0.40 -21.95
N ILE B 137 21.54 0.15 -23.13
CA ILE B 137 21.87 1.52 -23.43
C ILE B 137 20.75 2.38 -22.77
N HIS B 138 21.11 3.28 -21.88
CA HIS B 138 20.17 4.22 -21.23
C HIS B 138 20.31 5.58 -21.99
N HIS B 139 19.31 5.99 -22.73
CA HIS B 139 19.42 7.18 -23.52
C HIS B 139 19.34 8.51 -22.73
N SER B 140 20.23 9.45 -23.06
CA SER B 140 20.03 10.83 -22.75
C SER B 140 19.48 11.57 -23.99
N SER B 141 19.44 10.99 -25.14
CA SER B 141 19.02 11.65 -26.33
C SER B 141 17.49 11.87 -26.39
N VAL B 142 17.12 12.84 -27.16
CA VAL B 142 15.70 13.34 -27.27
C VAL B 142 15.45 13.64 -28.74
N GLU B 143 14.35 13.23 -29.32
CA GLU B 143 14.05 13.54 -30.71
C GLU B 143 12.57 13.96 -30.83
N ARG B 144 12.28 14.69 -31.89
CA ARG B 144 11.01 15.39 -32.07
C ARG B 144 10.41 15.00 -33.40
N TYR B 145 9.14 14.60 -33.38
CA TYR B 145 8.41 14.31 -34.51
C TYR B 145 7.49 15.41 -34.95
N GLU B 146 7.47 15.63 -36.26
CA GLU B 146 6.55 16.59 -36.92
C GLU B 146 5.55 15.84 -37.77
N PRO B 147 4.28 15.75 -37.34
CA PRO B 147 3.32 14.89 -38.07
C PRO B 147 3.12 15.36 -39.51
N GLU B 148 3.34 16.63 -39.77
CA GLU B 148 3.01 17.19 -41.09
C GLU B 148 3.97 16.66 -42.14
N ARG B 149 5.22 16.32 -41.72
CA ARG B 149 6.31 15.81 -42.60
C ARG B 149 6.61 14.33 -42.44
N ASP B 150 6.00 13.73 -41.39
CA ASP B 150 6.31 12.40 -40.94
C ASP B 150 7.81 12.18 -40.77
N GLU B 151 8.47 13.07 -40.03
CA GLU B 151 9.93 12.93 -39.76
C GLU B 151 10.21 13.21 -38.31
N TRP B 152 11.22 12.48 -37.83
CA TRP B 152 11.96 12.73 -36.58
C TRP B 152 13.25 13.42 -36.76
N HIS B 153 13.50 14.35 -35.86
CA HIS B 153 14.85 14.93 -35.70
C HIS B 153 15.33 14.98 -34.30
N LEU B 154 16.62 14.68 -34.09
CA LEU B 154 17.24 14.83 -32.83
C LEU B 154 17.31 16.28 -32.40
N VAL B 155 17.10 16.56 -31.12
CA VAL B 155 17.37 17.87 -30.52
C VAL B 155 18.47 17.76 -29.53
N ALA B 156 18.64 18.71 -28.62
CA ALA B 156 19.77 18.63 -27.64
C ALA B 156 19.42 17.53 -26.66
N PRO B 157 20.40 16.71 -26.28
CA PRO B 157 20.14 15.64 -25.29
C PRO B 157 20.02 16.18 -23.95
N MET B 158 19.37 15.43 -23.05
CA MET B 158 19.31 15.79 -21.66
C MET B 158 20.69 15.81 -21.03
N LEU B 159 20.79 16.48 -19.93
CA LEU B 159 22.03 16.46 -19.09
C LEU B 159 22.24 15.05 -18.45
N THR B 160 21.20 14.24 -18.36
CA THR B 160 21.21 12.97 -17.64
C THR B 160 20.61 11.91 -18.48
N ARG B 161 21.16 10.69 -18.50
CA ARG B 161 20.40 9.57 -19.09
C ARG B 161 19.24 9.15 -18.22
N ARG B 162 18.05 8.86 -18.79
CA ARG B 162 16.89 8.61 -17.96
C ARG B 162 16.02 7.59 -18.71
N ILE B 163 15.85 6.44 -18.07
CA ILE B 163 14.80 5.49 -18.44
C ILE B 163 13.79 5.49 -17.40
N GLY B 164 12.58 5.07 -17.72
CA GLY B 164 11.51 5.16 -16.75
C GLY B 164 11.32 6.57 -16.29
N VAL B 165 11.45 7.47 -17.27
CA VAL B 165 11.35 8.90 -17.11
C VAL B 165 9.91 9.35 -17.25
N GLY B 166 9.48 10.32 -16.45
CA GLY B 166 8.21 11.03 -16.67
C GLY B 166 8.42 12.35 -17.29
N VAL B 167 7.47 12.74 -18.16
CA VAL B 167 7.58 13.99 -18.86
C VAL B 167 6.33 14.80 -18.72
N ALA B 168 6.48 16.11 -18.54
CA ALA B 168 5.30 17.02 -18.52
C ALA B 168 5.61 18.20 -19.37
N VAL B 169 4.59 18.82 -19.95
CA VAL B 169 4.84 20.09 -20.62
C VAL B 169 4.07 21.20 -19.86
N LEU B 170 4.75 22.26 -19.49
CA LEU B 170 4.14 23.36 -18.76
C LEU B 170 4.79 24.69 -19.25
N ASN B 171 3.94 25.67 -19.60
CA ASN B 171 4.43 26.95 -20.10
C ASN B 171 5.31 26.74 -21.31
N ARG B 172 4.99 25.79 -22.18
CA ARG B 172 5.76 25.58 -23.44
C ARG B 172 7.20 25.13 -23.20
N LEU B 173 7.42 24.62 -22.01
CA LEU B 173 8.69 24.00 -21.63
C LEU B 173 8.47 22.51 -21.37
N LEU B 174 9.50 21.69 -21.57
CA LEU B 174 9.32 20.29 -21.35
C LEU B 174 10.11 19.85 -20.19
N TYR B 175 9.50 19.20 -19.22
CA TYR B 175 10.15 18.74 -18.03
C TYR B 175 10.42 17.21 -18.06
N ALA B 176 11.66 16.78 -17.75
CA ALA B 176 11.89 15.35 -17.62
C ALA B 176 12.19 15.06 -16.18
N VAL B 177 11.46 14.15 -15.57
CA VAL B 177 11.44 13.98 -14.13
C VAL B 177 11.84 12.54 -13.72
N GLY B 178 12.86 12.36 -12.85
CA GLY B 178 13.18 11.06 -12.32
C GLY B 178 13.76 10.12 -13.34
N GLY B 179 13.56 8.82 -13.09
CA GLY B 179 14.10 7.78 -13.95
C GLY B 179 15.31 7.09 -13.37
N PHE B 180 16.03 6.38 -14.25
CA PHE B 180 17.24 5.56 -13.91
C PHE B 180 18.26 5.84 -15.00
N ASP B 181 19.49 6.18 -14.56
CA ASP B 181 20.56 6.61 -15.48
C ASP B 181 21.49 5.45 -15.94
N GLY B 182 21.16 4.26 -15.46
CA GLY B 182 21.93 3.01 -15.64
C GLY B 182 22.73 2.58 -14.41
N THR B 183 23.02 3.51 -13.50
CA THR B 183 23.56 3.20 -12.18
C THR B 183 22.77 3.73 -10.94
N ASN B 184 22.29 4.96 -11.03
CA ASN B 184 21.65 5.66 -9.97
C ASN B 184 20.17 5.83 -10.37
N ARG B 185 19.28 5.64 -9.42
CA ARG B 185 17.86 5.94 -9.66
C ARG B 185 17.71 7.36 -9.22
N LEU B 186 16.82 8.16 -9.82
CA LEU B 186 16.98 9.58 -9.80
C LEU B 186 15.85 10.28 -9.08
N ASN B 187 16.16 11.23 -8.21
CA ASN B 187 15.16 12.24 -7.80
C ASN B 187 15.29 13.50 -8.62
N SER B 188 16.25 13.55 -9.52
CA SER B 188 16.56 14.81 -10.23
C SER B 188 15.52 15.04 -11.36
N ALA B 189 15.46 16.25 -11.84
CA ALA B 189 14.58 16.67 -12.88
C ALA B 189 15.21 17.82 -13.63
N GLU B 190 14.81 17.97 -14.87
CA GLU B 190 15.40 18.98 -15.80
C GLU B 190 14.39 19.51 -16.71
N CYS B 191 14.74 20.68 -17.27
CA CYS B 191 13.80 21.50 -18.04
C CYS B 191 14.40 21.77 -19.40
N TYR B 192 13.63 21.51 -20.43
CA TYR B 192 13.99 21.78 -21.82
C TYR B 192 13.28 23.04 -22.39
N TYR B 193 14.07 23.95 -22.96
CA TYR B 193 13.69 25.22 -23.60
C TYR B 193 13.76 25.05 -25.11
N PRO B 194 12.63 24.76 -25.77
CA PRO B 194 12.63 24.45 -27.20
C PRO B 194 13.21 25.60 -28.05
N GLU B 195 12.95 26.85 -27.67
CA GLU B 195 13.37 27.96 -28.58
C GLU B 195 14.88 28.11 -28.53
N ARG B 196 15.42 27.92 -27.34
CA ARG B 196 16.89 27.90 -27.12
C ARG B 196 17.55 26.57 -27.43
N ASN B 197 16.76 25.49 -27.40
CA ASN B 197 17.36 24.12 -27.61
C ASN B 197 18.38 23.83 -26.53
N GLU B 198 18.03 24.02 -25.27
CA GLU B 198 18.89 23.75 -24.16
C GLU B 198 18.13 23.15 -22.95
N TRP B 199 18.85 22.39 -22.10
CA TRP B 199 18.34 21.85 -20.85
C TRP B 199 19.00 22.47 -19.65
N ARG B 200 18.29 22.53 -18.54
CA ARG B 200 18.78 22.98 -17.28
C ARG B 200 18.21 22.08 -16.21
N MET B 201 19.04 21.75 -15.23
CA MET B 201 18.58 21.02 -14.04
C MET B 201 17.68 21.93 -13.21
N ILE B 202 16.60 21.37 -12.64
CA ILE B 202 15.72 22.05 -11.73
C ILE B 202 15.88 21.46 -10.32
N THR B 203 15.16 21.92 -9.29
CA THR B 203 15.13 21.32 -7.99
C THR B 203 14.73 19.85 -8.04
N PRO B 204 15.53 18.99 -7.46
CA PRO B 204 15.15 17.61 -7.40
C PRO B 204 13.97 17.34 -6.52
N MET B 205 13.24 16.26 -6.84
CA MET B 205 12.16 15.78 -6.02
C MET B 205 12.59 15.40 -4.59
N ASN B 206 11.66 15.38 -3.62
CA ASN B 206 11.90 14.84 -2.31
C ASN B 206 12.19 13.33 -2.36
N THR B 207 11.59 12.61 -3.33
CA THR B 207 11.77 11.17 -3.40
C THR B 207 12.44 10.75 -4.72
N ILE B 208 13.30 9.76 -4.66
CA ILE B 208 13.72 9.07 -5.85
C ILE B 208 12.56 8.31 -6.52
N ARG B 209 12.30 8.51 -7.80
CA ARG B 209 11.26 7.82 -8.52
C ARG B 209 11.69 7.49 -9.97
N SER B 210 11.81 6.24 -10.29
CA SER B 210 11.71 5.76 -11.63
C SER B 210 10.30 5.13 -11.85
N GLY B 211 9.78 5.21 -13.09
CA GLY B 211 8.50 4.59 -13.43
C GLY B 211 7.30 5.20 -12.75
N ALA B 212 7.41 6.48 -12.50
CA ALA B 212 6.31 7.26 -11.92
C ALA B 212 5.32 7.70 -12.99
N GLY B 213 4.18 8.26 -12.59
CA GLY B 213 3.30 8.94 -13.50
C GLY B 213 3.58 10.41 -13.29
N VAL B 214 3.81 11.13 -14.38
CA VAL B 214 4.17 12.56 -14.34
C VAL B 214 3.15 13.28 -15.21
N CYS B 215 2.52 14.31 -14.67
CA CYS B 215 1.53 15.07 -15.47
C CYS B 215 1.50 16.54 -14.96
N VAL B 216 0.73 17.37 -15.63
CA VAL B 216 0.54 18.76 -15.19
C VAL B 216 -0.92 19.01 -14.88
N LEU B 217 -1.20 19.67 -13.77
CA LEU B 217 -2.60 20.02 -13.42
C LEU B 217 -2.52 21.35 -12.70
N HIS B 218 -3.35 22.26 -13.16
CA HIS B 218 -3.48 23.57 -12.54
C HIS B 218 -2.12 24.12 -12.54
N ASN B 219 -1.51 24.72 -11.59
CA ASN B 219 -0.28 25.15 -12.50
C ASN B 219 1.04 24.33 -12.30
N CYS B 220 0.91 23.02 -11.97
CA CYS B 220 1.95 22.29 -11.21
C CYS B 220 2.28 20.97 -11.90
N ILE B 221 3.51 20.54 -11.75
CA ILE B 221 3.93 19.22 -12.22
C ILE B 221 3.72 18.25 -11.06
N TYR B 222 3.02 17.15 -11.31
CA TYR B 222 2.80 16.15 -10.33
C TYR B 222 3.65 14.93 -10.70
N ALA B 223 4.15 14.24 -9.66
CA ALA B 223 4.83 12.98 -9.85
C ALA B 223 4.26 12.04 -8.88
N ALA B 224 3.62 10.98 -9.41
CA ALA B 224 2.87 10.06 -8.58
C ALA B 224 3.49 8.72 -8.66
N GLY B 225 3.68 8.10 -7.50
CA GLY B 225 4.15 6.74 -7.53
C GLY B 225 5.58 6.58 -8.07
N GLY B 226 5.81 5.40 -8.65
CA GLY B 226 7.15 5.00 -9.14
C GLY B 226 7.83 4.09 -8.11
N TYR B 227 9.13 3.92 -8.33
CA TYR B 227 9.92 3.01 -7.50
C TYR B 227 11.12 3.79 -7.01
N ASP B 228 11.41 3.66 -5.71
CA ASP B 228 12.44 4.49 -5.07
C ASP B 228 13.79 3.72 -4.91
N GLY B 229 13.89 2.51 -5.42
CA GLY B 229 15.13 1.70 -5.24
C GLY B 229 14.90 0.63 -4.20
N GLN B 230 13.87 0.82 -3.35
CA GLN B 230 13.45 -0.19 -2.33
C GLN B 230 12.01 -0.70 -2.52
N ASP B 231 11.06 0.19 -2.82
CA ASP B 231 9.71 -0.24 -2.92
C ASP B 231 8.96 0.58 -3.91
N GLN B 232 7.86 0.03 -4.40
CA GLN B 232 6.90 0.82 -5.17
C GLN B 232 6.28 1.89 -4.29
N LEU B 233 5.93 3.09 -4.82
CA LEU B 233 5.51 4.19 -4.03
C LEU B 233 4.01 4.45 -4.16
N ASN B 234 3.40 4.91 -3.05
CA ASN B 234 2.10 5.56 -3.16
C ASN B 234 2.06 7.06 -3.00
N SER B 235 3.17 7.66 -2.59
CA SER B 235 3.30 9.02 -2.43
C SER B 235 3.24 9.81 -3.75
N VAL B 236 2.91 11.09 -3.66
CA VAL B 236 2.69 11.96 -4.79
C VAL B 236 3.17 13.28 -4.37
N GLU B 237 3.94 13.92 -5.28
CA GLU B 237 4.46 15.24 -4.96
C GLU B 237 4.29 16.15 -6.10
N ARG B 238 4.25 17.46 -5.84
CA ARG B 238 4.00 18.39 -6.92
C ARG B 238 4.93 19.60 -6.87
N TYR B 239 5.35 19.97 -8.07
CA TYR B 239 6.33 21.02 -8.24
C TYR B 239 5.60 22.33 -8.63
N ASP B 240 5.94 23.40 -7.91
CA ASP B 240 5.48 24.77 -8.23
C ASP B 240 6.65 25.52 -8.84
N VAL B 241 6.49 25.98 -10.08
CA VAL B 241 7.62 26.34 -10.90
C VAL B 241 8.19 27.70 -10.42
N GLU B 242 7.34 28.49 -9.80
CA GLU B 242 7.83 29.82 -9.27
C GLU B 242 8.47 29.68 -7.89
N THR B 243 7.89 28.85 -7.02
CA THR B 243 8.57 28.62 -5.73
C THR B 243 9.76 27.68 -5.84
N GLU B 244 9.87 26.92 -6.94
CA GLU B 244 10.93 25.96 -7.09
C GLU B 244 10.95 24.88 -6.00
N THR B 245 9.78 24.57 -5.50
CA THR B 245 9.70 23.56 -4.47
C THR B 245 8.70 22.44 -4.79
N TRP B 246 9.07 21.28 -4.28
CA TRP B 246 8.26 20.14 -4.39
C TRP B 246 7.60 19.88 -3.06
N THR B 247 6.33 19.62 -3.08
CA THR B 247 5.50 19.37 -1.92
C THR B 247 4.72 18.15 -2.07
N PHE B 248 4.69 17.34 -0.97
CA PHE B 248 3.81 16.12 -0.94
C PHE B 248 2.36 16.47 -0.89
N VAL B 249 1.51 15.78 -1.66
CA VAL B 249 0.09 15.93 -1.53
C VAL B 249 -0.38 14.56 -0.97
N ALA B 250 -1.67 14.31 -1.02
CA ALA B 250 -2.31 13.10 -0.49
C ALA B 250 -1.78 11.91 -1.31
N PRO B 251 -1.45 10.83 -0.64
CA PRO B 251 -0.93 9.65 -1.37
C PRO B 251 -2.05 8.92 -2.02
N MET B 252 -1.71 8.15 -3.05
CA MET B 252 -2.67 7.29 -3.71
C MET B 252 -3.10 6.19 -2.81
N ARG B 253 -4.19 5.56 -3.12
CA ARG B 253 -4.68 4.37 -2.34
C ARG B 253 -3.87 3.09 -2.55
N HIS B 254 -3.17 3.01 -3.68
CA HIS B 254 -2.31 1.86 -4.01
C HIS B 254 -0.94 2.36 -4.32
N HIS B 255 0.05 1.53 -4.01
CA HIS B 255 1.40 1.73 -4.49
C HIS B 255 1.43 1.27 -5.96
N ARG B 256 2.19 1.96 -6.80
CA ARG B 256 2.25 1.64 -8.23
C ARG B 256 3.52 2.16 -8.83
N SER B 257 4.14 1.25 -9.62
CA SER B 257 5.15 1.68 -10.56
C SER B 257 4.65 1.30 -11.91
N ALA B 258 5.21 1.98 -12.91
CA ALA B 258 4.84 1.77 -14.32
C ALA B 258 3.33 1.97 -14.48
N LEU B 259 2.83 3.01 -13.79
CA LEU B 259 1.46 3.45 -13.96
C LEU B 259 1.21 4.29 -15.16
N GLY B 260 -0.01 4.27 -15.74
CA GLY B 260 -0.50 5.33 -16.66
C GLY B 260 -1.08 6.51 -15.97
N ILE B 261 -0.99 7.66 -16.57
CA ILE B 261 -1.53 8.88 -15.88
C ILE B 261 -2.03 9.80 -16.92
N THR B 262 -3.08 10.52 -16.59
CA THR B 262 -3.50 11.58 -17.43
C THR B 262 -4.38 12.53 -16.62
N VAL B 263 -4.76 13.63 -17.27
CA VAL B 263 -5.58 14.66 -16.66
C VAL B 263 -6.85 14.77 -17.50
N HIS B 264 -7.98 14.76 -16.80
CA HIS B 264 -9.31 14.81 -17.46
C HIS B 264 -10.23 15.67 -16.54
N GLN B 265 -10.75 16.75 -17.15
CA GLN B 265 -11.64 17.76 -16.41
C GLN B 265 -11.15 18.17 -14.98
N GLY B 266 -9.89 18.63 -14.94
CA GLY B 266 -9.29 19.15 -13.77
C GLY B 266 -8.98 18.13 -12.68
N LYS B 267 -8.91 16.85 -13.06
CA LYS B 267 -8.53 15.74 -12.13
C LYS B 267 -7.47 14.81 -12.76
N ILE B 268 -6.58 14.32 -11.92
CA ILE B 268 -5.59 13.29 -12.36
C ILE B 268 -6.28 11.97 -12.34
N TYR B 269 -6.01 11.16 -13.32
CA TYR B 269 -6.38 9.77 -13.31
C TYR B 269 -5.10 8.93 -13.41
N VAL B 270 -4.99 7.92 -12.55
CA VAL B 270 -3.87 6.96 -12.62
C VAL B 270 -4.43 5.60 -12.91
N LEU B 271 -3.76 4.87 -13.81
CA LEU B 271 -4.28 3.58 -14.36
C LEU B 271 -3.28 2.48 -14.19
N GLY B 272 -3.62 1.42 -13.49
CA GLY B 272 -2.77 0.25 -13.36
C GLY B 272 -1.44 0.50 -12.70
N GLY B 273 -0.51 -0.32 -13.11
CA GLY B 273 0.82 -0.34 -12.58
C GLY B 273 1.03 -1.63 -11.81
N TYR B 274 2.24 -1.83 -11.37
CA TYR B 274 2.61 -3.00 -10.52
C TYR B 274 2.84 -2.51 -9.08
N ASP B 275 2.19 -3.15 -8.12
CA ASP B 275 2.26 -2.71 -6.79
C ASP B 275 3.29 -3.38 -5.89
N GLY B 276 4.08 -4.28 -6.45
CA GLY B 276 5.04 -5.06 -5.72
C GLY B 276 4.60 -6.50 -5.66
N HIS B 277 3.30 -6.70 -5.84
CA HIS B 277 2.80 -8.07 -5.80
C HIS B 277 1.80 -8.34 -6.95
N THR B 278 1.01 -7.34 -7.29
CA THR B 278 -0.07 -7.48 -8.26
C THR B 278 0.04 -6.47 -9.40
N PHE B 279 -0.37 -6.89 -10.57
CA PHE B 279 -0.60 -5.95 -11.65
C PHE B 279 -2.00 -5.38 -11.48
N LEU B 280 -2.11 -4.12 -11.14
CA LEU B 280 -3.35 -3.52 -10.79
C LEU B 280 -4.31 -3.33 -11.93
N ASP B 281 -5.61 -3.50 -11.62
CA ASP B 281 -6.69 -3.02 -12.49
C ASP B 281 -7.26 -1.70 -11.99
N SER B 282 -6.78 -1.21 -10.83
CA SER B 282 -7.33 -0.05 -10.19
C SER B 282 -7.08 1.24 -11.01
N VAL B 283 -8.12 2.04 -11.15
CA VAL B 283 -8.05 3.38 -11.69
C VAL B 283 -8.45 4.27 -10.54
N GLU B 284 -7.60 5.22 -10.15
CA GLU B 284 -7.97 6.22 -9.14
C GLU B 284 -7.88 7.63 -9.68
N CYS B 285 -8.58 8.53 -9.00
CA CYS B 285 -8.85 9.89 -9.44
C CYS B 285 -8.44 10.85 -8.34
N TYR B 286 -7.60 11.85 -8.62
CA TYR B 286 -7.18 12.82 -7.67
C TYR B 286 -7.94 14.12 -7.92
N ASP B 287 -8.56 14.61 -6.87
CA ASP B 287 -9.32 15.90 -6.94
C ASP B 287 -8.50 16.95 -6.23
N PRO B 288 -8.02 17.96 -6.95
CA PRO B 288 -7.03 18.85 -6.26
C PRO B 288 -7.72 19.84 -5.27
N ASP B 289 -8.98 20.10 -5.48
CA ASP B 289 -9.74 20.94 -4.51
C ASP B 289 -9.83 20.29 -3.13
N SER B 290 -10.17 19.01 -3.04
CA SER B 290 -10.29 18.31 -1.74
C SER B 290 -8.96 17.64 -1.33
N ASP B 291 -7.97 17.63 -2.25
CA ASP B 291 -6.72 16.87 -2.00
C ASP B 291 -7.07 15.40 -1.62
N THR B 292 -7.93 14.74 -2.39
CA THR B 292 -8.26 13.36 -2.16
C THR B 292 -8.25 12.48 -3.40
N TRP B 293 -7.94 11.24 -3.17
CA TRP B 293 -7.94 10.24 -4.24
C TRP B 293 -9.15 9.36 -4.01
N SER B 294 -9.83 8.98 -5.06
CA SER B 294 -10.78 7.87 -4.94
C SER B 294 -10.74 6.92 -6.08
N GLU B 295 -11.34 5.75 -5.86
CA GLU B 295 -11.43 4.66 -6.87
C GLU B 295 -12.50 5.00 -7.87
N VAL B 296 -12.24 4.94 -9.16
CA VAL B 296 -13.30 5.39 -10.06
C VAL B 296 -13.86 4.30 -10.93
N THR B 297 -13.08 3.29 -11.26
CA THR B 297 -13.49 2.22 -12.14
C THR B 297 -12.34 1.23 -12.05
N ARG B 298 -12.47 0.06 -12.63
CA ARG B 298 -11.36 -0.89 -12.77
C ARG B 298 -11.11 -1.00 -14.27
N MET B 299 -9.88 -1.17 -14.70
CA MET B 299 -9.65 -1.69 -16.04
C MET B 299 -10.19 -3.10 -16.22
N THR B 300 -10.34 -3.49 -17.46
CA THR B 300 -10.97 -4.78 -17.73
C THR B 300 -9.97 -5.88 -17.34
N SER B 301 -8.67 -5.60 -17.24
CA SER B 301 -7.80 -6.58 -16.71
C SER B 301 -6.59 -5.82 -16.15
N GLY B 302 -5.90 -6.35 -15.15
CA GLY B 302 -4.77 -5.64 -14.55
C GLY B 302 -3.55 -5.68 -15.51
N ARG B 303 -2.79 -4.57 -15.52
CA ARG B 303 -1.66 -4.43 -16.37
C ARG B 303 -0.75 -3.30 -15.90
N SER B 304 0.50 -3.28 -16.32
CA SER B 304 1.41 -2.17 -16.05
C SER B 304 2.01 -1.73 -17.37
N GLY B 305 2.73 -0.61 -17.35
CA GLY B 305 3.48 -0.12 -18.53
C GLY B 305 2.63 0.35 -19.71
N VAL B 306 1.43 0.86 -19.44
CA VAL B 306 0.53 1.37 -20.49
C VAL B 306 0.95 2.77 -20.91
N GLY B 307 0.54 3.15 -22.12
CA GLY B 307 0.47 4.50 -22.55
C GLY B 307 -0.95 5.05 -22.47
N VAL B 308 -1.09 6.28 -22.07
CA VAL B 308 -2.38 6.90 -21.85
C VAL B 308 -2.46 8.26 -22.46
N ALA B 309 -3.60 8.64 -23.03
CA ALA B 309 -3.79 10.04 -23.39
C ALA B 309 -5.31 10.29 -23.52
N VAL B 310 -5.70 11.54 -23.72
CA VAL B 310 -7.14 11.92 -23.74
C VAL B 310 -7.43 12.63 -25.05
N THR B 311 -8.49 12.23 -25.73
CA THR B 311 -9.10 13.02 -26.78
C THR B 311 -10.63 12.68 -27.03
C FMT C . -7.60 15.54 23.17
O1 FMT C . -8.16 15.57 22.08
O2 FMT C . -6.71 16.50 23.48
O2 K67 D . 7.00 -12.23 18.03
S1 K67 D . 7.06 -13.53 18.66
O1 K67 D . 6.28 -14.71 18.30
C9 K67 D . 8.65 -14.03 18.48
C10 K67 D . 9.51 -13.28 17.70
C11 K67 D . 10.87 -13.67 17.57
C12 K67 D . 11.38 -14.80 18.24
O7 K67 D . 12.75 -15.23 18.07
C23 K67 D . 13.97 -14.49 18.38
C24 K67 D . 13.91 -12.95 18.37
C13 K67 D . 10.49 -15.54 19.04
C14 K67 D . 9.12 -15.20 19.15
N1 K67 D . 6.68 -13.32 20.19
C8 K67 D . 6.95 -12.28 21.02
C3 K67 D . 8.22 -11.83 21.60
C2 K67 D . 9.53 -12.64 21.55
C16 K67 D . 10.61 -11.60 21.25
O3 K67 D . 10.66 -11.13 20.09
C41 K67 D . 11.47 -11.13 22.41
C4 K67 D . 8.28 -10.61 22.33
C7 K67 D . 5.83 -11.32 21.13
C37 K67 D . 4.55 -11.69 20.60
C38 K67 D . 3.51 -10.75 20.78
C39 K67 D . 3.66 -9.58 21.52
C40 K67 D . 4.92 -9.18 22.07
C6 K67 D . 5.99 -10.05 21.92
C5 K67 D . 7.28 -9.69 22.51
N2 K67 D . 7.67 -8.55 23.15
S2 K67 D . 7.85 -7.05 22.48
O6 K67 D . 7.80 -6.16 23.59
O5 K67 D . 7.05 -6.51 21.43
C17 K67 D . 9.35 -7.20 21.88
C18 K67 D . 9.54 -7.63 20.56
C19 K67 D . 10.86 -7.76 20.11
C20 K67 D . 11.94 -7.48 20.97
C21 K67 D . 11.74 -7.12 22.28
C22 K67 D . 10.45 -6.97 22.76
O8 K67 D . 13.25 -7.62 20.56
C25 K67 D . 13.65 -8.10 19.23
C26 K67 D . 15.16 -7.94 19.16
C FMT E . 12.35 28.56 -24.55
O1 FMT E . 13.53 28.89 -24.87
O2 FMT E . 11.58 27.89 -25.38
O2 K67 F . 8.88 0.85 -12.63
S1 K67 F . 10.31 0.86 -12.61
O1 K67 F . 11.03 2.07 -12.36
C9 K67 F . 10.99 -0.31 -11.60
C10 K67 F . 10.24 -1.06 -10.71
C11 K67 F . 10.92 -2.01 -9.94
C12 K67 F . 12.29 -2.20 -10.03
O7 K67 F . 12.96 -3.11 -9.22
C23 K67 F . 12.27 -4.07 -8.41
C24 K67 F . 13.32 -4.75 -7.53
C13 K67 F . 13.05 -1.43 -10.92
C14 K67 F . 12.41 -0.47 -11.68
N1 K67 F . 10.85 0.50 -14.11
C8 K67 F . 10.27 -0.35 -15.03
C3 K67 F . 10.29 -1.87 -15.13
C2 K67 F . 11.18 -2.84 -14.29
C16 K67 F . 10.28 -3.82 -13.57
O3 K67 F . 9.40 -3.40 -12.80
C41 K67 F . 10.45 -5.33 -13.80
C4 K67 F . 9.50 -2.57 -16.06
C7 K67 F . 9.28 0.31 -15.97
C37 K67 F . 9.15 1.72 -15.96
C38 K67 F . 8.22 2.28 -16.86
C39 K67 F . 7.51 1.54 -17.80
C40 K67 F . 7.62 0.11 -17.85
C6 K67 F . 8.45 -0.50 -16.89
C5 K67 F . 8.59 -1.99 -16.94
N2 K67 F . 7.88 -2.88 -17.67
S2 K67 F . 6.38 -3.37 -17.54
O6 K67 F . 6.15 -3.97 -18.83
O5 K67 F . 5.50 -2.44 -16.97
C17 K67 F . 6.62 -4.52 -16.32
C18 K67 F . 6.55 -4.13 -14.95
C19 K67 F . 6.79 -5.10 -13.96
C20 K67 F . 7.08 -6.45 -14.35
C21 K67 F . 7.19 -6.79 -15.69
C22 K67 F . 6.94 -5.85 -16.69
O8 K67 F . 7.27 -7.47 -13.41
C25 K67 F . 7.07 -7.25 -11.99
C26 K67 F . 7.23 -8.57 -11.24
#